data_1PMH
#
_entry.id   1PMH
#
_cell.length_a   38.281
_cell.length_b   45.700
_cell.length_c   110.113
_cell.angle_alpha   90.00
_cell.angle_beta   90.00
_cell.angle_gamma   90.00
#
_symmetry.space_group_name_H-M   'P 21 21 21'
#
loop_
_entity.id
_entity.type
_entity.pdbx_description
1 polymer beta-1,4-mannanase
2 branched beta-D-mannopyranose-(1-4)-beta-D-mannopyranose-(1-4)-beta-D-mannopyranose-(1-4)-beta-D-mannopyranose-(1-4)-beta-D-mannopyranose-(1-4)-alpha-D-mannopyranose
3 non-polymer 'CALCIUM ION'
4 non-polymer 1,2-ETHANEDIOL
5 water water
#
_entity_poly.entity_id   1
_entity_poly.type   'polypeptide(L)'
_entity_poly.pdbx_seq_one_letter_code
;ESSVNPVVLDFEDGTV(MSE)SFGEAWGDSLKCIKKVSVSQDLQRPGNKYALRLDVEFNPNNGWDQGDLGTWIGGVVEGQ
FDFTGYKSVEFE(MSE)FIPYDEFSKSQGGFAYKVVINDGWKELGSEFNITANAGKKVKINGKDYTVIHKAFAIPEDFRT
KKRAQLVFQFAGQNSNYKGPIYLDNVRIRPEDA
;
_entity_poly.pdbx_strand_id   X
#
loop_
_chem_comp.id
_chem_comp.type
_chem_comp.name
_chem_comp.formula
BMA D-saccharide, beta linking beta-D-mannopyranose 'C6 H12 O6'
CA non-polymer 'CALCIUM ION' 'Ca 2'
EDO non-polymer 1,2-ETHANEDIOL 'C2 H6 O2'
MAN D-saccharide, alpha linking alpha-D-mannopyranose 'C6 H12 O6'
#
# COMPACT_ATOMS: atom_id res chain seq x y z
N SER A 3 -15.65 -13.56 -14.75
CA SER A 3 -16.94 -13.75 -14.06
C SER A 3 -16.99 -13.18 -12.63
N VAL A 4 -15.89 -12.53 -12.21
CA VAL A 4 -15.88 -11.76 -10.98
C VAL A 4 -15.59 -10.28 -11.20
N ASN A 5 -16.21 -9.48 -10.33
CA ASN A 5 -16.12 -8.03 -10.35
C ASN A 5 -14.85 -7.64 -9.58
N PRO A 6 -13.97 -6.85 -10.18
CA PRO A 6 -12.79 -6.37 -9.44
C PRO A 6 -13.17 -5.56 -8.23
N VAL A 7 -12.38 -5.66 -7.18
CA VAL A 7 -12.54 -4.80 -6.03
C VAL A 7 -11.58 -3.64 -6.23
N VAL A 8 -12.11 -2.43 -6.37
CA VAL A 8 -11.32 -1.29 -6.78
C VAL A 8 -11.30 -0.26 -5.65
N LEU A 9 -10.16 -0.17 -4.97
CA LEU A 9 -9.93 0.76 -3.87
C LEU A 9 -9.09 1.92 -4.42
N ASP A 10 -9.82 2.86 -4.99
CA ASP A 10 -9.26 4.00 -5.71
C ASP A 10 -9.40 5.34 -4.97
N PHE A 11 -10.06 5.31 -3.82
CA PHE A 11 -10.28 6.45 -2.95
C PHE A 11 -11.16 7.52 -3.61
N GLU A 12 -11.82 7.22 -4.72
CA GLU A 12 -12.46 8.25 -5.51
C GLU A 12 -13.77 8.73 -4.88
N ASP A 13 -14.26 8.04 -3.87
CA ASP A 13 -15.34 8.55 -3.01
C ASP A 13 -14.92 9.59 -1.97
N GLY A 14 -13.65 9.94 -1.96
CA GLY A 14 -13.11 10.91 -1.04
C GLY A 14 -12.99 10.40 0.38
N THR A 15 -12.88 9.09 0.56
CA THR A 15 -12.71 8.49 1.86
C THR A 15 -11.49 7.60 1.85
N VAL A 16 -11.07 7.20 3.04
CA VAL A 16 -9.99 6.24 3.19
C VAL A 16 -10.39 4.80 2.96
N MSE A 17 -11.67 4.52 2.65
CA MSE A 17 -12.06 3.17 2.27
C MSE A 17 -11.62 2.10 3.28
O MSE A 17 -11.08 1.05 2.93
CB MSE A 17 -11.64 2.79 0.85
CG MSE A 17 -12.23 3.72 -0.16
SE MSE A 17 -11.92 3.08 -1.94
CE MSE A 17 -13.41 4.00 -2.86
N SER A 18 -11.83 2.47 4.54
CA SER A 18 -11.57 1.58 5.65
C SER A 18 -10.10 1.33 5.96
N PHE A 19 -9.19 1.95 5.26
CA PHE A 19 -7.79 1.80 5.61
C PHE A 19 -7.47 2.46 6.92
N GLY A 20 -6.70 1.80 7.75
CA GLY A 20 -6.28 2.33 9.04
C GLY A 20 -5.43 1.24 9.68
N GLU A 21 -5.41 1.23 11.01
CA GLU A 21 -4.59 0.22 11.65
C GLU A 21 -5.15 -1.17 11.32
N ALA A 22 -4.24 -2.13 11.19
CA ALA A 22 -4.60 -3.52 10.94
C ALA A 22 -4.97 -4.25 12.22
N TRP A 23 -4.44 -3.77 13.34
CA TRP A 23 -4.77 -4.25 14.67
C TRP A 23 -4.32 -3.13 15.60
N GLY A 24 -4.63 -3.26 16.89
CA GLY A 24 -4.36 -2.19 17.83
C GLY A 24 -2.90 -1.82 17.83
N ASP A 25 -2.66 -0.53 17.64
CA ASP A 25 -1.33 0.02 17.65
C ASP A 25 -0.43 -0.50 16.54
N SER A 26 -1.00 -0.97 15.44
CA SER A 26 -0.17 -1.50 14.37
C SER A 26 0.53 -0.46 13.53
N LEU A 27 0.04 0.78 13.52
CA LEU A 27 0.54 1.72 12.52
C LEU A 27 2.01 2.06 12.73
N LYS A 28 2.37 2.36 13.99
CA LYS A 28 3.75 2.53 14.40
C LYS A 28 4.44 3.64 13.61
N CYS A 29 5.32 3.32 12.67
CA CYS A 29 5.99 4.32 11.86
C CYS A 29 5.05 5.12 11.00
N ILE A 30 3.85 4.61 10.74
CA ILE A 30 2.84 5.37 10.05
C ILE A 30 2.14 6.23 11.08
N LYS A 31 2.32 7.55 11.00
CA LYS A 31 1.80 8.49 12.00
C LYS A 31 0.41 9.02 11.71
N LYS A 32 -0.03 8.97 10.47
CA LYS A 32 -1.33 9.47 10.07
C LYS A 32 -1.72 8.86 8.77
N VAL A 33 -3.00 8.52 8.67
CA VAL A 33 -3.62 7.97 7.49
C VAL A 33 -4.73 8.94 7.12
N SER A 34 -4.73 9.43 5.88
CA SER A 34 -5.75 10.38 5.45
C SER A 34 -5.99 10.24 3.95
N VAL A 35 -7.09 10.83 3.49
CA VAL A 35 -7.37 10.92 2.06
C VAL A 35 -6.85 12.29 1.63
N SER A 36 -6.20 12.31 0.48
CA SER A 36 -5.55 13.50 -0.01
C SER A 36 -5.86 13.78 -1.47
N GLN A 37 -5.84 15.06 -1.78
CA GLN A 37 -5.89 15.58 -3.17
C GLN A 37 -4.53 15.99 -3.69
N ASP A 38 -3.44 15.62 -3.00
CA ASP A 38 -2.14 16.06 -3.45
C ASP A 38 -1.76 15.61 -4.85
N LEU A 39 -2.24 14.46 -5.26
CA LEU A 39 -1.94 13.84 -6.54
C LEU A 39 -3.07 14.08 -7.55
N GLN A 40 -4.00 15.00 -7.30
CA GLN A 40 -5.17 15.12 -8.13
C GLN A 40 -4.77 15.39 -9.52
N ARG A 41 -5.37 14.65 -10.44
CA ARG A 41 -5.07 14.75 -11.83
C ARG A 41 -6.24 14.22 -12.64
N PRO A 42 -6.20 14.24 -13.98
CA PRO A 42 -7.42 13.90 -14.73
C PRO A 42 -7.93 12.52 -14.38
N GLY A 43 -9.19 12.47 -13.97
CA GLY A 43 -9.86 11.23 -13.65
C GLY A 43 -9.37 10.58 -12.37
N ASN A 44 -8.60 11.27 -11.53
CA ASN A 44 -8.04 10.65 -10.34
C ASN A 44 -7.77 11.74 -9.31
N LYS A 45 -8.80 11.99 -8.52
CA LYS A 45 -8.81 13.13 -7.59
C LYS A 45 -8.18 12.86 -6.22
N TYR A 46 -8.27 11.62 -5.75
CA TYR A 46 -7.90 11.29 -4.39
C TYR A 46 -6.90 10.14 -4.31
N ALA A 47 -6.08 10.15 -3.26
CA ALA A 47 -5.17 9.06 -2.94
C ALA A 47 -5.08 8.94 -1.44
N LEU A 48 -4.59 7.80 -0.98
CA LEU A 48 -4.36 7.56 0.42
C LEU A 48 -3.00 8.07 0.79
N ARG A 49 -2.94 9.01 1.74
CA ARG A 49 -1.69 9.56 2.23
C ARG A 49 -1.31 8.94 3.56
N LEU A 50 -0.11 8.40 3.64
CA LEU A 50 0.46 7.83 4.85
C LEU A 50 1.61 8.73 5.24
N ASP A 51 1.47 9.44 6.34
CA ASP A 51 2.61 10.24 6.88
C ASP A 51 3.46 9.34 7.71
N VAL A 52 4.69 9.06 7.27
CA VAL A 52 5.58 8.11 7.92
C VAL A 52 6.79 8.86 8.50
N GLU A 53 7.37 8.21 9.50
CA GLU A 53 8.64 8.59 10.06
C GLU A 53 9.48 7.34 10.30
N PHE A 54 10.65 7.30 9.69
CA PHE A 54 11.56 6.19 9.90
C PHE A 54 12.75 6.67 10.71
N ASN A 55 13.29 5.77 11.53
CA ASN A 55 14.47 6.04 12.36
C ASN A 55 15.70 5.35 11.76
N PRO A 56 16.74 6.14 11.48
CA PRO A 56 17.87 5.56 10.74
C PRO A 56 18.67 4.48 11.52
N ASN A 57 18.50 4.43 12.82
CA ASN A 57 19.15 3.43 13.63
C ASN A 57 18.41 2.10 13.68
N ASN A 58 17.29 1.98 12.99
CA ASN A 58 16.49 0.79 12.98
C ASN A 58 16.51 0.15 11.61
N GLY A 59 16.99 -1.11 11.50
CA GLY A 59 17.02 -1.80 10.23
C GLY A 59 15.71 -2.38 9.80
N TRP A 60 14.70 -2.33 10.67
CA TRP A 60 13.35 -2.83 10.31
C TRP A 60 12.32 -2.05 11.12
N ASP A 61 12.01 -0.82 10.68
CA ASP A 61 11.14 0.07 11.42
C ASP A 61 9.72 -0.06 10.86
N GLN A 62 8.98 -1.03 11.39
CA GLN A 62 7.80 -1.58 10.77
C GLN A 62 6.51 -0.88 11.18
N GLY A 63 5.56 -0.83 10.25
CA GLY A 63 4.20 -0.40 10.50
C GLY A 63 3.29 -1.18 9.58
N ASP A 64 2.06 -1.41 10.00
CA ASP A 64 1.11 -2.23 9.28
C ASP A 64 -0.23 -1.52 9.14
N LEU A 65 -0.64 -1.37 7.90
CA LEU A 65 -1.84 -0.69 7.44
C LEU A 65 -2.79 -1.76 6.94
N GLY A 66 -4.03 -1.77 7.40
CA GLY A 66 -5.00 -2.73 6.95
C GLY A 66 -6.27 -2.12 6.42
N THR A 67 -6.97 -2.89 5.59
CA THR A 67 -8.34 -2.59 5.23
C THR A 67 -9.14 -3.89 5.22
N TRP A 68 -10.40 -3.81 5.61
CA TRP A 68 -11.31 -4.89 5.48
C TRP A 68 -12.08 -4.67 4.23
N ILE A 69 -12.10 -5.66 3.38
CA ILE A 69 -12.93 -5.58 2.21
C ILE A 69 -14.40 -5.32 2.59
N GLY A 70 -14.99 -4.29 1.98
CA GLY A 70 -16.37 -3.92 2.30
C GLY A 70 -16.57 -3.30 3.67
N GLY A 71 -15.50 -2.96 4.36
CA GLY A 71 -15.51 -2.44 5.70
C GLY A 71 -15.96 -3.44 6.75
N VAL A 72 -16.14 -4.73 6.39
CA VAL A 72 -16.71 -5.66 7.37
C VAL A 72 -15.61 -6.28 8.21
N VAL A 73 -15.48 -5.85 9.46
CA VAL A 73 -14.47 -6.37 10.34
C VAL A 73 -14.70 -7.86 10.56
N GLU A 74 -13.64 -8.66 10.43
CA GLU A 74 -13.67 -10.10 10.58
C GLU A 74 -14.49 -10.77 9.48
N GLY A 75 -14.85 -10.04 8.44
CA GLY A 75 -15.51 -10.69 7.32
C GLY A 75 -14.61 -11.62 6.57
N GLN A 76 -15.24 -12.48 5.79
CA GLN A 76 -14.56 -13.34 4.85
C GLN A 76 -14.92 -12.85 3.44
N PHE A 77 -14.06 -13.12 2.49
CA PHE A 77 -14.26 -12.73 1.12
C PHE A 77 -13.90 -13.91 0.26
N ASP A 78 -14.71 -14.18 -0.75
CA ASP A 78 -14.48 -15.28 -1.67
C ASP A 78 -13.56 -14.85 -2.78
N PHE A 79 -12.29 -15.25 -2.65
CA PHE A 79 -11.27 -14.96 -3.65
C PHE A 79 -11.28 -15.89 -4.87
N THR A 80 -12.26 -16.81 -4.94
CA THR A 80 -12.42 -17.61 -6.13
C THR A 80 -12.44 -16.72 -7.37
N GLY A 81 -11.59 -17.05 -8.33
CA GLY A 81 -11.52 -16.28 -9.57
C GLY A 81 -10.71 -15.01 -9.52
N TYR A 82 -10.20 -14.65 -8.34
CA TYR A 82 -9.29 -13.51 -8.26
C TYR A 82 -7.86 -14.05 -8.27
N LYS A 83 -6.98 -13.40 -9.03
CA LYS A 83 -5.65 -13.91 -9.30
C LYS A 83 -4.54 -12.95 -8.95
N SER A 84 -4.84 -11.68 -8.65
CA SER A 84 -3.80 -10.74 -8.32
C SER A 84 -4.30 -9.63 -7.43
N VAL A 85 -3.36 -9.00 -6.74
CA VAL A 85 -3.55 -7.71 -6.05
C VAL A 85 -2.57 -6.73 -6.66
N GLU A 86 -3.09 -5.63 -7.15
CA GLU A 86 -2.33 -4.60 -7.82
C GLU A 86 -2.40 -3.31 -7.02
N PHE A 87 -1.39 -2.47 -7.08
CA PHE A 87 -1.37 -1.20 -6.37
C PHE A 87 -0.39 -0.25 -7.02
N GLU A 88 -0.55 1.04 -6.72
CA GLU A 88 0.41 2.07 -7.06
C GLU A 88 0.82 2.76 -5.76
N MSE A 89 2.11 3.01 -5.65
CA MSE A 89 2.72 3.66 -4.50
C MSE A 89 3.55 4.81 -4.97
O MSE A 89 4.28 4.67 -5.95
CB MSE A 89 3.53 2.60 -3.78
CG MSE A 89 4.22 3.06 -2.57
SE MSE A 89 5.40 1.66 -1.86
CE MSE A 89 4.28 0.40 -1.70
N PHE A 90 3.48 5.94 -4.27
CA PHE A 90 4.12 7.19 -4.69
C PHE A 90 4.91 7.75 -3.51
N ILE A 91 6.16 8.12 -3.74
CA ILE A 91 6.97 8.75 -2.70
C ILE A 91 7.60 10.00 -3.33
N PRO A 92 7.45 11.18 -2.72
CA PRO A 92 8.10 12.41 -3.26
C PRO A 92 9.58 12.13 -3.53
N TYR A 93 10.01 12.36 -4.76
CA TYR A 93 11.30 11.97 -5.23
C TYR A 93 12.42 12.72 -4.58
N ASP A 94 12.31 14.04 -4.54
CA ASP A 94 13.45 14.83 -4.09
C ASP A 94 13.77 14.55 -2.64
N GLU A 95 12.75 14.57 -1.79
CA GLU A 95 12.98 14.27 -0.38
C GLU A 95 13.39 12.83 -0.15
N PHE A 96 12.81 11.90 -0.89
CA PHE A 96 13.21 10.51 -0.75
C PHE A 96 14.64 10.26 -1.19
N SER A 97 15.04 10.91 -2.28
CA SER A 97 16.41 10.80 -2.77
C SER A 97 17.44 11.29 -1.78
N LYS A 98 17.08 12.32 -1.02
CA LYS A 98 17.97 12.91 -0.01
C LYS A 98 18.05 12.08 1.27
N SER A 99 17.04 11.28 1.53
CA SER A 99 17.00 10.42 2.69
C SER A 99 18.04 9.31 2.60
N GLN A 100 18.51 8.85 3.76
CA GLN A 100 19.41 7.74 3.84
C GLN A 100 18.64 6.42 3.88
N GLY A 101 19.33 5.35 3.57
CA GLY A 101 18.75 4.03 3.66
C GLY A 101 17.65 3.81 2.63
N GLY A 102 16.66 3.02 2.99
CA GLY A 102 15.56 2.71 2.10
C GLY A 102 14.47 2.05 2.91
N PHE A 103 13.48 1.52 2.25
CA PHE A 103 12.42 0.84 2.96
C PHE A 103 12.00 -0.41 2.22
N ALA A 104 11.33 -1.28 2.97
CA ALA A 104 10.72 -2.50 2.46
C ALA A 104 9.22 -2.38 2.56
N TYR A 105 8.51 -3.12 1.74
CA TYR A 105 7.09 -3.26 1.88
C TYR A 105 6.68 -4.70 1.58
N LYS A 106 5.53 -5.05 2.13
CA LYS A 106 4.88 -6.34 1.88
C LYS A 106 3.40 -6.10 1.65
N VAL A 107 2.83 -6.96 0.80
CA VAL A 107 1.39 -6.99 0.56
C VAL A 107 0.91 -8.37 1.01
N VAL A 108 -0.09 -8.38 1.88
CA VAL A 108 -0.48 -9.55 2.63
C VAL A 108 -1.99 -9.68 2.64
N ILE A 109 -2.47 -10.93 2.51
CA ILE A 109 -3.82 -11.27 2.94
C ILE A 109 -3.72 -11.85 4.32
N ASN A 110 -4.29 -11.17 5.31
CA ASN A 110 -4.14 -11.59 6.70
C ASN A 110 -5.11 -12.68 7.12
N ASP A 111 -4.94 -13.84 6.46
CA ASP A 111 -5.57 -15.10 6.81
C ASP A 111 -4.40 -16.05 7.07
N GLY A 112 -4.04 -16.20 8.34
CA GLY A 112 -2.79 -16.82 8.73
C GLY A 112 -1.56 -16.06 8.28
N TRP A 113 -1.70 -14.78 7.90
CA TRP A 113 -0.62 -13.93 7.40
C TRP A 113 0.03 -14.55 6.16
N LYS A 114 -0.57 -14.32 5.01
CA LYS A 114 -0.11 -14.84 3.73
C LYS A 114 0.48 -13.74 2.89
N GLU A 115 1.77 -13.71 2.78
CA GLU A 115 2.45 -12.73 1.98
C GLU A 115 2.22 -13.04 0.51
N LEU A 116 1.75 -12.05 -0.21
CA LEU A 116 1.63 -12.12 -1.65
C LEU A 116 2.86 -11.67 -2.38
N GLY A 117 3.57 -10.69 -1.84
CA GLY A 117 4.77 -10.22 -2.43
C GLY A 117 5.38 -9.15 -1.54
N SER A 118 6.63 -8.85 -1.87
CA SER A 118 7.40 -7.90 -1.10
C SER A 118 8.55 -7.39 -1.93
N GLU A 119 9.06 -6.23 -1.50
CA GLU A 119 10.32 -5.72 -1.99
C GLU A 119 11.10 -5.09 -0.85
N PHE A 120 12.40 -5.25 -0.94
CA PHE A 120 13.33 -4.73 0.04
C PHE A 120 14.20 -3.65 -0.57
N ASN A 121 14.71 -2.78 0.30
CA ASN A 121 15.70 -1.77 -0.08
C ASN A 121 15.23 -0.86 -1.20
N ILE A 122 13.98 -0.45 -1.11
CA ILE A 122 13.46 0.54 -2.04
C ILE A 122 14.11 1.90 -1.73
N THR A 123 14.62 2.51 -2.78
CA THR A 123 15.14 3.86 -2.73
C THR A 123 14.52 4.68 -3.87
N ALA A 124 14.92 5.95 -4.00
CA ALA A 124 14.21 6.87 -4.89
C ALA A 124 14.30 6.46 -6.35
N ASN A 125 15.30 5.70 -6.75
CA ASN A 125 15.45 5.30 -8.13
C ASN A 125 14.73 3.99 -8.46
N ALA A 126 13.98 3.42 -7.52
CA ALA A 126 13.07 2.32 -7.82
C ALA A 126 11.96 2.76 -8.75
N GLY A 127 11.35 1.78 -9.40
CA GLY A 127 10.18 2.06 -10.22
C GLY A 127 10.45 3.07 -11.30
N LYS A 128 9.55 4.05 -11.43
CA LYS A 128 9.65 5.12 -12.43
C LYS A 128 9.50 6.46 -11.75
N LYS A 129 10.16 7.47 -12.28
CA LYS A 129 10.01 8.82 -11.80
C LYS A 129 8.95 9.53 -12.65
N VAL A 130 7.92 10.04 -12.01
CA VAL A 130 6.76 10.67 -12.66
C VAL A 130 6.54 12.03 -12.04
N LYS A 131 6.16 13.03 -12.82
CA LYS A 131 5.79 14.33 -12.31
C LYS A 131 4.26 14.48 -12.23
N ILE A 132 3.78 14.83 -11.04
CA ILE A 132 2.36 15.02 -10.75
C ILE A 132 2.22 16.34 -10.00
N ASN A 133 1.43 17.27 -10.51
CA ASN A 133 1.24 18.58 -9.82
C ASN A 133 2.51 19.27 -9.46
N GLY A 134 3.43 19.38 -10.38
CA GLY A 134 4.63 20.18 -10.19
C GLY A 134 5.65 19.48 -9.34
N LYS A 135 5.47 18.22 -8.96
CA LYS A 135 6.42 17.55 -8.09
C LYS A 135 6.71 16.18 -8.67
N ASP A 136 7.97 15.78 -8.57
CA ASP A 136 8.38 14.46 -8.96
C ASP A 136 8.13 13.41 -7.89
N TYR A 137 7.78 12.20 -8.31
CA TYR A 137 7.54 11.09 -7.43
C TYR A 137 8.26 9.85 -7.94
N THR A 138 8.76 9.06 -6.99
CA THR A 138 9.07 7.64 -7.24
C THR A 138 7.76 6.89 -7.24
N VAL A 139 7.50 6.14 -8.31
CA VAL A 139 6.26 5.40 -8.44
C VAL A 139 6.54 3.94 -8.62
N ILE A 140 5.92 3.13 -7.77
CA ILE A 140 5.99 1.67 -7.78
C ILE A 140 4.60 1.19 -8.12
N HIS A 141 4.53 0.43 -9.20
CA HIS A 141 3.27 -0.11 -9.68
C HIS A 141 3.49 -1.59 -9.92
N LYS A 142 2.86 -2.44 -9.11
CA LYS A 142 3.09 -3.89 -9.17
C LYS A 142 1.77 -4.60 -9.01
N ALA A 143 1.78 -5.86 -9.45
CA ALA A 143 0.74 -6.82 -9.13
C ALA A 143 1.40 -8.07 -8.61
N PHE A 144 0.86 -8.61 -7.53
CA PHE A 144 1.32 -9.87 -6.97
C PHE A 144 0.26 -10.93 -7.08
N ALA A 145 0.68 -12.17 -7.28
CA ALA A 145 -0.26 -13.27 -7.42
C ALA A 145 -0.99 -13.58 -6.13
N ILE A 146 -2.28 -13.90 -6.26
CA ILE A 146 -3.01 -14.62 -5.23
C ILE A 146 -2.79 -16.11 -5.52
N PRO A 147 -2.18 -16.89 -4.64
CA PRO A 147 -1.89 -18.30 -4.92
C PRO A 147 -3.19 -19.07 -5.01
N GLU A 148 -3.14 -20.20 -5.71
CA GLU A 148 -4.31 -21.02 -5.99
C GLU A 148 -5.02 -21.42 -4.69
N ASP A 149 -4.24 -21.74 -3.64
CA ASP A 149 -4.84 -22.18 -2.38
C ASP A 149 -5.53 -21.06 -1.63
N PHE A 150 -5.35 -19.80 -2.02
CA PHE A 150 -6.12 -18.66 -1.48
C PHE A 150 -7.29 -18.23 -2.33
N ARG A 151 -7.53 -18.90 -3.47
CA ARG A 151 -8.61 -18.52 -4.34
C ARG A 151 -9.88 -19.23 -3.86
N THR A 152 -10.35 -18.78 -2.70
CA THR A 152 -11.40 -19.39 -1.95
C THR A 152 -11.79 -18.38 -0.87
N LYS A 153 -12.72 -18.75 0.00
CA LYS A 153 -13.08 -17.85 1.08
C LYS A 153 -11.95 -17.75 2.10
N LYS A 154 -11.54 -16.50 2.37
CA LYS A 154 -10.48 -16.20 3.32
C LYS A 154 -10.86 -14.96 4.10
N ARG A 155 -10.19 -14.80 5.24
CA ARG A 155 -10.34 -13.62 6.07
C ARG A 155 -9.97 -12.39 5.26
N ALA A 156 -10.87 -11.41 5.22
CA ALA A 156 -10.88 -10.38 4.20
C ALA A 156 -10.10 -9.12 4.55
N GLN A 157 -8.94 -9.29 5.20
CA GLN A 157 -8.13 -8.13 5.57
C GLN A 157 -6.89 -8.11 4.68
N LEU A 158 -6.76 -7.01 3.94
CA LEU A 158 -5.56 -6.77 3.13
C LEU A 158 -4.68 -5.86 3.97
N VAL A 159 -3.39 -6.22 4.04
CA VAL A 159 -2.42 -5.50 4.80
C VAL A 159 -1.26 -5.07 3.92
N PHE A 160 -0.90 -3.80 4.06
CA PHE A 160 0.34 -3.27 3.53
C PHE A 160 1.28 -3.01 4.71
N GLN A 161 2.42 -3.69 4.71
CA GLN A 161 3.45 -3.47 5.68
C GLN A 161 4.52 -2.59 5.08
N PHE A 162 5.00 -1.61 5.85
CA PHE A 162 6.11 -0.78 5.48
C PHE A 162 7.15 -0.92 6.55
N ALA A 163 8.43 -0.97 6.18
CA ALA A 163 9.48 -1.03 7.20
C ALA A 163 10.68 -0.24 6.74
N GLY A 164 11.01 0.79 7.52
CA GLY A 164 12.25 1.51 7.24
C GLY A 164 13.47 0.62 7.47
N GLN A 165 14.41 0.68 6.54
CA GLN A 165 15.65 -0.09 6.64
C GLN A 165 16.79 0.90 6.73
N ASN A 166 17.06 1.28 7.98
CA ASN A 166 18.04 2.34 8.27
C ASN A 166 17.70 3.61 7.51
N SER A 167 16.40 3.94 7.40
CA SER A 167 15.95 5.15 6.74
C SER A 167 15.75 6.28 7.75
N ASN A 168 16.00 7.51 7.30
CA ASN A 168 15.59 8.71 8.03
C ASN A 168 14.49 9.48 7.32
N TYR A 169 13.80 8.85 6.38
CA TYR A 169 12.71 9.55 5.69
C TYR A 169 11.57 9.88 6.63
N LYS A 170 11.10 11.13 6.56
CA LYS A 170 9.95 11.62 7.29
C LYS A 170 9.15 12.39 6.27
N GLY A 171 8.03 11.87 5.86
CA GLY A 171 7.23 12.46 4.79
C GLY A 171 6.14 11.50 4.39
N PRO A 172 5.37 11.90 3.38
CA PRO A 172 4.28 11.04 2.92
C PRO A 172 4.73 9.90 2.01
N ILE A 173 3.95 8.83 2.06
CA ILE A 173 3.94 7.78 1.06
C ILE A 173 2.46 7.67 0.68
N TYR A 174 2.16 7.65 -0.62
CA TYR A 174 0.78 7.55 -1.05
C TYR A 174 0.52 6.20 -1.66
N LEU A 175 -0.68 5.71 -1.45
CA LEU A 175 -1.20 4.53 -2.13
C LEU A 175 -2.41 4.94 -2.96
N ASP A 176 -2.55 4.31 -4.11
CA ASP A 176 -3.77 4.50 -4.92
C ASP A 176 -4.00 3.25 -5.74
N ASN A 177 -5.23 3.18 -6.27
CA ASN A 177 -5.57 2.13 -7.22
C ASN A 177 -5.17 0.75 -6.73
N VAL A 178 -5.58 0.48 -5.51
CA VAL A 178 -5.39 -0.87 -4.96
C VAL A 178 -6.56 -1.70 -5.49
N ARG A 179 -6.25 -2.76 -6.24
CA ARG A 179 -7.27 -3.54 -6.91
C ARG A 179 -7.06 -5.02 -6.65
N ILE A 180 -8.14 -5.74 -6.34
CA ILE A 180 -8.16 -7.20 -6.25
C ILE A 180 -8.84 -7.64 -7.54
N ARG A 181 -8.07 -8.35 -8.37
CA ARG A 181 -8.37 -8.47 -9.80
C ARG A 181 -8.43 -9.92 -10.25
N PRO A 182 -9.29 -10.24 -11.20
CA PRO A 182 -9.18 -11.55 -11.88
C PRO A 182 -7.96 -11.71 -12.78
N GLU A 183 -7.37 -10.58 -13.18
CA GLU A 183 -6.21 -10.63 -14.05
C GLU A 183 -5.03 -11.35 -13.42
N ASP A 184 -4.31 -12.16 -14.20
CA ASP A 184 -3.14 -12.84 -13.71
C ASP A 184 -2.04 -11.85 -13.42
N ALA A 185 -1.24 -12.13 -12.39
CA ALA A 185 -0.04 -11.35 -12.14
C ALA A 185 1.09 -11.71 -13.10
C1 MAN B . 18.85 -7.92 8.25
C2 MAN B . 17.87 -7.65 9.38
C3 MAN B . 16.64 -8.54 9.16
C4 MAN B . 16.06 -8.34 7.76
C5 MAN B . 17.12 -8.32 6.68
C6 MAN B . 16.49 -7.79 5.39
O1 MAN B . 19.37 -9.20 8.40
O2 MAN B . 17.46 -6.28 9.39
O3 MAN B . 15.67 -8.31 10.15
O4 MAN B . 15.23 -9.45 7.43
O5 MAN B . 18.25 -7.53 7.04
O6 MAN B . 17.31 -8.05 4.29
C1 BMA B . 13.85 -9.21 7.53
C2 BMA B . 13.14 -10.21 6.64
C3 BMA B . 11.64 -9.96 6.73
C4 BMA B . 11.20 -9.81 8.16
C5 BMA B . 12.04 -8.79 8.95
C6 BMA B . 11.69 -8.65 10.40
O2 BMA B . 13.41 -11.52 7.12
O3 BMA B . 10.89 -10.93 6.01
O4 BMA B . 9.88 -9.35 8.09
O5 BMA B . 13.40 -9.16 8.86
O6 BMA B . 11.73 -9.90 11.05
C1 BMA B . 9.01 -9.90 9.02
C2 BMA B . 7.79 -9.02 9.13
C3 BMA B . 6.84 -9.68 10.12
C4 BMA B . 6.58 -11.15 9.70
C5 BMA B . 7.88 -11.89 9.44
C6 BMA B . 7.57 -13.25 8.87
O2 BMA B . 7.17 -8.91 7.87
O3 BMA B . 5.66 -8.88 10.23
O4 BMA B . 6.03 -11.85 10.77
O5 BMA B . 8.68 -11.18 8.52
O6 BMA B . 8.76 -13.98 8.85
C1 BMA B . 4.64 -11.96 10.77
C2 BMA B . 4.30 -13.14 11.67
C3 BMA B . 2.80 -13.19 11.67
C4 BMA B . 2.19 -11.87 12.12
C5 BMA B . 2.73 -10.69 11.30
C6 BMA B . 2.25 -9.30 11.71
O2 BMA B . 4.82 -12.97 12.96
O3 BMA B . 2.40 -14.27 12.51
O4 BMA B . 0.82 -11.93 11.86
O5 BMA B . 4.15 -10.77 11.35
O6 BMA B . 2.54 -9.04 13.06
C1 BMA B . 0.01 -11.27 12.85
C2 BMA B . -1.36 -10.96 12.29
C3 BMA B . -2.23 -10.28 13.36
C4 BMA B . -2.30 -11.25 14.56
C5 BMA B . -0.91 -11.66 15.07
C6 BMA B . -0.85 -12.69 16.20
C6 BMA B . -1.00 -12.74 16.15
O2 BMA B . -1.90 -12.12 11.70
O3 BMA B . -3.54 -10.16 12.85
O4 BMA B . -2.91 -10.66 15.67
O5 BMA B . -0.18 -12.16 13.99
O6 BMA B . 0.48 -12.74 16.67
O6 BMA B . -1.73 -13.89 15.75
C1 BMA B . -3.78 -11.66 16.29
C1 BMA B . -4.15 -11.19 16.20
C2 BMA B . -3.96 -11.54 17.81
C2 BMA B . -4.29 -10.72 17.65
C3 BMA B . -5.15 -12.35 18.32
C3 BMA B . -5.47 -11.39 18.35
C4 BMA B . -6.43 -11.86 17.64
C4 BMA B . -6.76 -11.14 17.58
C5 BMA B . -6.23 -11.98 16.14
C5 BMA B . -6.55 -11.28 16.08
C6 BMA B . -7.33 -11.35 15.27
C6 BMA B . -7.74 -10.64 15.36
O2 BMA B . -4.15 -10.18 18.16
O2 BMA B . -4.50 -9.33 17.60
O3 BMA B . -5.21 -12.26 19.73
O3 BMA B . -5.59 -10.90 19.67
O4 BMA B . -7.54 -12.64 18.05
O4 BMA B . -7.79 -12.02 17.96
O5 BMA B . -5.02 -11.42 15.67
O5 BMA B . -5.34 -10.73 15.59
O6 BMA B . -7.26 -9.92 15.28
O6 BMA B . -8.22 -9.54 16.10
CA CA C . -7.48 7.70 -6.73
C1 EDO D . 8.49 6.20 14.46
O1 EDO D . 7.78 5.46 15.41
C2 EDO D . 9.05 5.13 13.58
O2 EDO D . 10.36 5.59 13.43
C1 EDO E . 0.86 -15.73 -11.17
O1 EDO E . 0.08 -16.71 -10.49
C2 EDO E . 2.34 -15.78 -10.80
O2 EDO E . 3.04 -14.59 -11.09
C1 EDO F . -14.24 -1.06 8.29
O1 EDO F . -15.23 -0.71 9.24
C2 EDO F . -13.26 -1.93 9.03
O2 EDO F . -12.42 -1.13 9.83
C1 EDO G . -8.26 -1.65 9.02
O1 EDO G . -7.97 -3.03 9.12
C2 EDO G . -9.73 -1.27 9.06
O2 EDO G . -10.50 -1.65 7.95
#